data_1XTP
#
_entry.id   1XTP
#
_cell.length_a   40.208
_cell.length_b   42.560
_cell.length_c   69.853
_cell.angle_alpha   90.00
_cell.angle_beta   98.27
_cell.angle_gamma   90.00
#
_symmetry.space_group_name_H-M   'P 1 21 1'
#
loop_
_entity.id
_entity.type
_entity.pdbx_description
1 polymer LMAJ004091AAA
2 non-polymer S-ADENOSYL-L-HOMOSELENOCYSTEINE
3 water water
#
_entity_poly.entity_id   1
_entity_poly.type   'polypeptide(L)'
_entity_poly.pdbx_seq_one_letter_code
;GPGS(MSE)PSKEASSRNLPISGRDTNGKTYRSTDE(MSE)WKAELTGDLYDPEKGWYGKALEYWRTVPATVSGVLGG
(MSE)DHVHDVDIEGSRNFIASLPGHGTSRALDCGAGIGRITKNLLTKLYATTDLLEPVKH(MSE)LEEAKRELAG
(MSE)PVGKFILAS(MSE)ETATLPPNTYDLIVIQWTAIYLTDADFVKFFKHCQQALTPNGYIFFKENCSTGDRFLVDKE
DSSLTRSDIHYKRLFNESGVRVVKEAFQEEWPTDLFPLK(MSE)YALK
;
_entity_poly.pdbx_strand_id   A
#
# COMPACT_ATOMS: atom_id res chain seq x y z
N GLY A 1 -23.40 22.41 -27.32
CA GLY A 1 -23.88 21.14 -27.99
C GLY A 1 -23.42 19.97 -27.17
N PRO A 2 -23.60 18.74 -27.70
CA PRO A 2 -22.97 17.62 -27.00
C PRO A 2 -21.47 17.87 -26.95
N GLY A 3 -20.82 17.50 -25.85
CA GLY A 3 -19.40 17.75 -25.70
C GLY A 3 -18.71 16.87 -24.69
N SER A 4 -17.48 16.47 -25.02
CA SER A 4 -16.64 15.71 -24.12
C SER A 4 -16.38 16.52 -22.86
N PRO A 6 -14.00 17.55 -19.67
CA PRO A 6 -12.57 17.52 -19.31
C PRO A 6 -12.25 16.42 -18.29
N ARG A 13 -17.91 12.78 -11.02
CA ARG A 13 -18.82 11.72 -11.50
C ARG A 13 -18.64 10.41 -10.77
N ASN A 14 -19.69 9.58 -10.80
CA ASN A 14 -19.70 8.31 -10.11
C ASN A 14 -20.06 7.14 -11.04
N LEU A 15 -19.38 7.06 -12.17
CA LEU A 15 -19.66 5.97 -13.12
C LEU A 15 -19.15 4.64 -12.59
N PRO A 16 -19.78 3.53 -12.98
CA PRO A 16 -19.19 2.25 -12.60
C PRO A 16 -17.75 2.10 -13.13
N ILE A 17 -16.87 1.54 -12.30
CA ILE A 17 -15.54 1.16 -12.74
C ILE A 17 -15.55 -0.33 -13.07
N SER A 18 -15.30 -0.67 -14.32
CA SER A 18 -15.28 -2.06 -14.73
C SER A 18 -13.86 -2.59 -14.57
N GLY A 19 -13.69 -3.88 -14.85
CA GLY A 19 -12.37 -4.47 -14.79
C GLY A 19 -12.48 -5.96 -15.05
N ARG A 20 -11.46 -6.68 -14.66
CA ARG A 20 -11.33 -8.07 -15.01
C ARG A 20 -10.34 -8.72 -14.07
N ASP A 21 -10.28 -10.04 -14.08
CA ASP A 21 -9.19 -10.73 -13.40
C ASP A 21 -8.18 -11.29 -14.38
N THR A 22 -7.09 -11.83 -13.84
CA THR A 22 -6.00 -12.33 -14.64
C THR A 22 -6.34 -13.64 -15.35
N ASN A 23 -7.42 -14.32 -14.97
CA ASN A 23 -7.90 -15.47 -15.75
C ASN A 23 -8.77 -15.06 -16.95
N GLY A 24 -9.23 -13.81 -16.91
CA GLY A 24 -10.03 -13.23 -17.99
C GLY A 24 -11.49 -13.07 -17.71
N LYS A 25 -11.92 -13.32 -16.48
CA LYS A 25 -13.29 -13.01 -16.11
C LYS A 25 -13.46 -11.50 -16.03
N THR A 26 -14.55 -10.98 -16.56
CA THR A 26 -14.74 -9.54 -16.65
C THR A 26 -15.90 -9.11 -15.78
N TYR A 27 -15.88 -7.83 -15.39
CA TYR A 27 -16.87 -7.25 -14.52
C TYR A 27 -17.35 -5.92 -15.04
N ARG A 28 -18.63 -5.68 -14.89
CA ARG A 28 -19.22 -4.40 -15.22
C ARG A 28 -18.87 -3.29 -14.22
N SER A 29 -18.64 -3.69 -12.96
CA SER A 29 -18.41 -2.75 -11.86
C SER A 29 -17.61 -3.41 -10.74
N THR A 30 -17.11 -2.59 -9.82
CA THR A 30 -16.38 -3.07 -8.65
C THR A 30 -17.33 -3.72 -7.69
N ASP A 31 -18.54 -3.18 -7.62
CA ASP A 31 -19.62 -3.72 -6.80
C ASP A 31 -19.98 -5.17 -7.15
N GLU A 32 -20.04 -5.43 -8.45
CA GLU A 32 -20.23 -6.78 -8.96
C GLU A 32 -19.05 -7.69 -8.57
N TRP A 34 -16.69 -7.36 -6.00
CA TRP A 34 -16.63 -7.67 -4.56
C TRP A 34 -17.69 -8.70 -4.14
N LYS A 35 -18.86 -8.71 -4.80
CA LYS A 35 -19.86 -9.74 -4.53
C LYS A 35 -19.34 -11.11 -4.94
N ALA A 36 -18.51 -11.16 -5.99
CA ALA A 36 -17.91 -12.42 -6.45
C ALA A 36 -16.73 -12.85 -5.58
N GLU A 37 -15.91 -11.89 -5.18
CA GLU A 37 -14.65 -12.19 -4.54
C GLU A 37 -14.70 -12.28 -3.01
N LEU A 38 -15.72 -11.70 -2.37
CA LEU A 38 -15.73 -11.58 -0.90
C LEU A 38 -16.72 -12.56 -0.26
N THR A 39 -16.73 -13.79 -0.73
CA THR A 39 -17.58 -14.82 -0.17
C THR A 39 -16.88 -15.55 0.99
N GLY A 40 -17.70 -16.09 1.89
CA GLY A 40 -17.24 -16.92 2.97
C GLY A 40 -16.38 -16.22 4.00
N ASP A 41 -15.59 -17.02 4.70
CA ASP A 41 -14.61 -16.52 5.65
C ASP A 41 -13.43 -15.92 4.85
N LEU A 42 -13.26 -14.61 4.96
CA LEU A 42 -12.26 -13.90 4.16
C LEU A 42 -10.82 -14.34 4.42
N TYR A 43 -10.62 -14.94 5.58
CA TYR A 43 -9.30 -15.41 6.03
C TYR A 43 -9.08 -16.91 5.82
N ASP A 44 -10.02 -17.58 5.16
CA ASP A 44 -9.80 -18.96 4.74
C ASP A 44 -8.66 -18.96 3.70
N PRO A 45 -7.60 -19.79 3.91
CA PRO A 45 -6.41 -19.78 3.07
C PRO A 45 -6.59 -20.20 1.62
N GLU A 46 -7.64 -20.96 1.35
CA GLU A 46 -7.95 -21.44 0.00
C GLU A 46 -9.12 -20.69 -0.66
N LYS A 47 -10.01 -20.12 0.15
CA LYS A 47 -11.22 -19.52 -0.38
C LYS A 47 -11.37 -18.04 -0.06
N GLY A 48 -10.52 -17.51 0.80
CA GLY A 48 -10.72 -16.21 1.38
C GLY A 48 -9.89 -15.17 0.66
N TRP A 49 -10.51 -14.03 0.36
CA TRP A 49 -9.83 -12.91 -0.30
C TRP A 49 -8.50 -12.56 0.40
N TYR A 50 -8.56 -12.35 1.71
CA TYR A 50 -7.38 -12.09 2.52
C TYR A 50 -6.55 -13.33 2.76
N GLY A 51 -7.22 -14.45 3.10
CA GLY A 51 -6.52 -15.67 3.42
C GLY A 51 -5.64 -16.20 2.32
N LYS A 52 -6.13 -16.11 1.09
CA LYS A 52 -5.37 -16.58 -0.07
C LYS A 52 -4.08 -15.77 -0.27
N ALA A 53 -4.12 -14.49 0.09
CA ALA A 53 -2.97 -13.60 -0.10
C ALA A 53 -1.91 -13.90 0.94
N LEU A 54 -2.36 -14.11 2.18
CA LEU A 54 -1.50 -14.48 3.30
C LEU A 54 -0.88 -15.84 3.08
N GLU A 55 -1.66 -16.76 2.50
CA GLU A 55 -1.17 -18.08 2.18
C GLU A 55 -0.15 -18.01 1.05
N TYR A 56 -0.38 -17.14 0.10
CA TYR A 56 0.61 -16.92 -0.96
C TYR A 56 1.92 -16.42 -0.38
N TRP A 57 1.86 -15.46 0.53
CA TRP A 57 3.08 -14.87 1.06
C TRP A 57 3.82 -15.77 2.02
N ARG A 58 3.13 -16.77 2.57
CA ARG A 58 3.73 -17.69 3.53
C ARG A 58 4.95 -18.36 2.95
N THR A 59 4.90 -18.69 1.66
CA THR A 59 6.01 -19.35 0.97
C THR A 59 6.87 -18.43 0.07
N VAL A 60 6.67 -17.13 0.13
CA VAL A 60 7.58 -16.22 -0.59
C VAL A 60 8.85 -16.07 0.24
N PRO A 61 10.04 -16.23 -0.39
CA PRO A 61 11.27 -16.00 0.37
C PRO A 61 11.30 -14.61 1.01
N ALA A 62 11.85 -14.55 2.21
CA ALA A 62 11.99 -13.30 2.93
C ALA A 62 13.28 -12.65 2.42
N THR A 63 13.26 -12.23 1.16
CA THR A 63 14.41 -11.60 0.53
C THR A 63 13.91 -10.41 -0.28
N VAL A 64 14.82 -9.52 -0.64
CA VAL A 64 14.45 -8.36 -1.45
C VAL A 64 13.80 -8.83 -2.77
N SER A 65 14.34 -9.91 -3.33
CA SER A 65 13.82 -10.45 -4.59
C SER A 65 12.37 -10.90 -4.37
N GLY A 66 12.12 -11.51 -3.22
CA GLY A 66 10.78 -11.92 -2.81
C GLY A 66 9.78 -10.78 -2.68
N VAL A 67 10.16 -9.68 -2.06
CA VAL A 67 9.20 -8.59 -1.88
C VAL A 67 9.04 -7.80 -3.18
N LEU A 68 10.03 -7.88 -4.07
CA LEU A 68 10.02 -7.11 -5.31
C LEU A 68 9.61 -7.97 -6.50
N GLY A 69 9.03 -9.13 -6.20
CA GLY A 69 8.50 -10.03 -7.22
C GLY A 69 9.54 -10.43 -8.25
N GLY A 70 10.76 -10.67 -7.82
CA GLY A 70 11.85 -10.96 -8.73
C GLY A 70 12.36 -9.75 -9.53
N ASP A 72 14.36 -7.21 -8.60
CA ASP A 72 15.33 -6.64 -7.65
C ASP A 72 15.92 -5.29 -8.08
N HIS A 73 16.12 -5.14 -9.39
CA HIS A 73 16.87 -4.02 -9.94
C HIS A 73 16.10 -2.71 -9.96
N VAL A 74 14.82 -2.74 -9.61
CA VAL A 74 14.06 -1.50 -9.49
C VAL A 74 14.20 -0.82 -8.14
N HIS A 75 14.91 -1.47 -7.23
CA HIS A 75 15.03 -1.02 -5.85
C HIS A 75 15.60 0.40 -5.75
N ASP A 76 16.77 0.59 -6.33
CA ASP A 76 17.50 1.86 -6.18
C ASP A 76 16.70 3.06 -6.68
N VAL A 77 16.12 2.94 -7.86
CA VAL A 77 15.28 4.00 -8.41
C VAL A 77 14.03 4.23 -7.55
N ASP A 78 13.40 3.16 -7.06
CA ASP A 78 12.26 3.28 -6.20
C ASP A 78 12.58 4.09 -4.94
N ILE A 79 13.68 3.75 -4.27
CA ILE A 79 14.04 4.39 -3.02
C ILE A 79 14.42 5.88 -3.24
N GLU A 80 15.12 6.18 -4.33
CA GLU A 80 15.49 7.56 -4.63
C GLU A 80 14.27 8.43 -4.96
N GLY A 81 13.34 7.89 -5.76
CA GLY A 81 12.06 8.57 -6.03
C GLY A 81 11.24 8.91 -4.78
N SER A 82 11.16 7.96 -3.84
CA SER A 82 10.46 8.17 -2.58
C SER A 82 11.15 9.24 -1.73
N ARG A 83 12.48 9.14 -1.65
CA ARG A 83 13.26 10.10 -0.87
C ARG A 83 13.08 11.55 -1.38
N ASN A 84 13.19 11.72 -2.70
CA ASN A 84 12.97 13.03 -3.34
C ASN A 84 11.52 13.53 -3.16
N PHE A 85 10.55 12.61 -3.27
CA PHE A 85 9.16 12.97 -3.07
C PHE A 85 8.91 13.42 -1.63
N ILE A 86 9.33 12.61 -0.66
CA ILE A 86 9.14 12.95 0.76
C ILE A 86 9.85 14.27 1.14
N ALA A 87 11.05 14.46 0.61
CA ALA A 87 11.81 15.70 0.84
C ALA A 87 11.00 16.93 0.46
N SER A 88 10.21 16.81 -0.58
CA SER A 88 9.45 17.93 -1.09
C SER A 88 8.15 18.25 -0.33
N LEU A 89 7.78 17.46 0.67
CA LEU A 89 6.51 17.67 1.33
C LEU A 89 6.64 18.80 2.35
N PRO A 90 5.81 19.85 2.23
CA PRO A 90 5.91 20.97 3.17
C PRO A 90 5.61 20.61 4.61
N GLY A 91 6.42 21.15 5.51
CA GLY A 91 6.29 20.92 6.93
C GLY A 91 6.07 19.47 7.30
N HIS A 92 6.75 18.55 6.64
CA HIS A 92 6.63 17.12 7.01
C HIS A 92 7.49 16.89 8.25
N GLY A 93 6.97 16.19 9.24
CA GLY A 93 7.69 15.95 10.48
C GLY A 93 8.74 14.86 10.28
N THR A 94 9.65 14.71 11.23
CA THR A 94 10.75 13.74 11.08
C THR A 94 10.95 12.83 12.32
N SER A 95 9.95 12.72 13.21
CA SER A 95 10.12 11.90 14.41
C SER A 95 9.79 10.45 14.22
N ARG A 96 8.51 10.15 14.04
CA ARG A 96 8.08 8.77 14.00
C ARG A 96 7.44 8.36 12.64
N ALA A 97 7.88 7.22 12.12
CA ALA A 97 7.33 6.64 10.91
C ALA A 97 6.74 5.25 11.17
N LEU A 98 5.86 4.80 10.26
CA LEU A 98 5.26 3.47 10.27
C LEU A 98 5.30 2.91 8.86
N ASP A 99 5.86 1.71 8.74
CA ASP A 99 6.03 1.01 7.48
C ASP A 99 5.00 -0.13 7.45
N CYS A 100 3.90 0.10 6.70
CA CYS A 100 2.76 -0.82 6.63
C CYS A 100 2.95 -1.83 5.51
N GLY A 101 2.60 -3.09 5.77
CA GLY A 101 2.93 -4.17 4.83
C GLY A 101 4.43 -4.15 4.56
N ALA A 102 5.21 -4.09 5.64
CA ALA A 102 6.65 -3.85 5.60
C ALA A 102 7.49 -4.96 4.97
N GLY A 103 6.96 -6.19 4.98
CA GLY A 103 7.68 -7.34 4.48
C GLY A 103 8.93 -7.55 5.30
N ILE A 104 10.09 -7.54 4.64
CA ILE A 104 11.37 -7.72 5.34
C ILE A 104 12.01 -6.39 5.76
N GLY A 105 11.24 -5.30 5.68
CA GLY A 105 11.69 -3.99 6.17
C GLY A 105 12.56 -3.23 5.19
N ARG A 106 12.39 -3.49 3.90
CA ARG A 106 13.19 -2.86 2.84
C ARG A 106 13.11 -1.34 2.81
N ILE A 107 11.89 -0.80 2.90
CA ILE A 107 11.72 0.63 2.89
C ILE A 107 12.25 1.26 4.20
N THR A 108 11.99 0.63 5.33
CA THR A 108 12.53 1.09 6.62
C THR A 108 14.06 1.08 6.61
N LYS A 109 14.66 -0.01 6.11
CA LYS A 109 16.11 -0.15 6.14
C LYS A 109 16.82 0.90 5.29
N ASN A 110 16.27 1.16 4.10
CA ASN A 110 16.95 1.96 3.08
C ASN A 110 16.45 3.40 2.99
N LEU A 111 15.34 3.73 3.65
CA LEU A 111 14.84 5.09 3.57
C LEU A 111 14.48 5.68 4.92
N LEU A 112 13.61 5.00 5.66
CA LEU A 112 13.02 5.62 6.82
C LEU A 112 14.01 5.80 7.94
N THR A 113 14.94 4.85 8.09
CA THR A 113 15.96 4.94 9.14
C THR A 113 16.94 6.11 8.90
N LYS A 114 16.96 6.66 7.69
CA LYS A 114 17.77 7.84 7.38
C LYS A 114 17.04 9.15 7.64
N LEU A 115 15.70 9.10 7.69
CA LEU A 115 14.87 10.30 7.77
C LEU A 115 14.09 10.48 9.07
N TYR A 116 13.79 9.38 9.77
CA TYR A 116 12.96 9.42 10.96
C TYR A 116 13.71 8.91 12.19
N ALA A 117 13.51 9.60 13.32
CA ALA A 117 14.09 9.22 14.58
C ALA A 117 13.74 7.77 14.96
N THR A 118 12.47 7.39 14.78
CA THR A 118 12.04 6.02 15.08
C THR A 118 11.07 5.57 14.00
N THR A 119 11.21 4.32 13.56
CA THR A 119 10.28 3.72 12.61
C THR A 119 9.69 2.42 13.18
N ASP A 120 8.35 2.32 13.17
CA ASP A 120 7.65 1.08 13.51
C ASP A 120 7.30 0.32 12.23
N LEU A 121 7.10 -1.00 12.36
CA LEU A 121 6.82 -1.91 11.22
C LEU A 121 5.51 -2.65 11.46
N LEU A 122 4.69 -2.79 10.41
CA LEU A 122 3.44 -3.51 10.47
C LEU A 122 3.45 -4.55 9.35
N GLU A 123 3.36 -5.83 9.68
CA GLU A 123 3.48 -6.89 8.69
C GLU A 123 2.80 -8.11 9.26
N PRO A 124 1.87 -8.74 8.51
CA PRO A 124 1.13 -9.90 9.02
C PRO A 124 1.81 -11.24 8.87
N VAL A 125 2.78 -11.34 7.97
CA VAL A 125 3.45 -12.62 7.73
C VAL A 125 4.67 -12.79 8.60
N LYS A 126 4.63 -13.85 9.39
CA LYS A 126 5.56 -14.08 10.50
C LYS A 126 7.00 -14.19 10.04
N HIS A 127 7.27 -14.98 9.00
CA HIS A 127 8.66 -15.13 8.56
C HIS A 127 9.19 -13.87 7.86
N LEU A 129 8.24 -10.68 8.96
CA LEU A 129 8.49 -9.81 10.11
C LEU A 129 9.73 -10.21 10.91
N GLU A 130 9.92 -11.51 11.06
CA GLU A 130 11.09 -12.07 11.75
C GLU A 130 12.39 -11.72 11.04
N GLU A 131 12.39 -11.83 9.73
CA GLU A 131 13.54 -11.45 8.94
C GLU A 131 13.83 -9.95 9.00
N ALA A 132 12.78 -9.12 8.97
CA ALA A 132 12.90 -7.68 9.22
C ALA A 132 13.63 -7.36 10.52
N LYS A 133 13.26 -8.06 11.60
CA LYS A 133 13.95 -7.91 12.89
C LYS A 133 15.46 -8.13 12.79
N ARG A 134 15.85 -9.16 12.02
CA ARG A 134 17.28 -9.45 11.80
C ARG A 134 17.94 -8.41 10.89
N GLU A 135 17.24 -8.00 9.86
CA GLU A 135 17.82 -7.08 8.89
C GLU A 135 17.92 -5.68 9.49
N LEU A 136 17.10 -5.40 10.50
CA LEU A 136 17.05 -4.10 11.13
C LEU A 136 17.76 -4.03 12.47
N ALA A 137 18.59 -5.03 12.79
CA ALA A 137 19.24 -5.06 14.09
C ALA A 137 20.21 -3.88 14.26
N GLY A 138 20.11 -3.21 15.41
CA GLY A 138 20.91 -2.00 15.70
C GLY A 138 20.56 -0.76 14.89
N PRO A 140 17.42 2.51 14.26
CA PRO A 140 16.37 3.26 14.98
C PRO A 140 14.94 2.78 14.70
N VAL A 141 14.68 1.52 15.06
CA VAL A 141 13.38 0.91 14.82
C VAL A 141 12.69 0.71 16.17
N GLY A 142 11.36 0.81 16.18
CA GLY A 142 10.58 0.70 17.40
C GLY A 142 9.87 -0.63 17.50
N LYS A 143 8.57 -0.63 17.23
CA LYS A 143 7.73 -1.81 17.37
C LYS A 143 7.68 -2.62 16.08
N PHE A 144 7.57 -3.94 16.25
CA PHE A 144 7.34 -4.89 15.17
C PHE A 144 5.97 -5.50 15.33
N ILE A 145 5.01 -4.98 14.57
CA ILE A 145 3.61 -5.31 14.76
C ILE A 145 3.19 -6.42 13.78
N LEU A 146 2.85 -7.58 14.33
CA LEU A 146 2.40 -8.71 13.54
C LEU A 146 0.90 -8.58 13.38
N ALA A 147 0.50 -7.92 12.29
CA ALA A 147 -0.90 -7.73 12.01
C ALA A 147 -1.09 -7.36 10.55
N SER A 148 -2.28 -7.63 10.02
CA SER A 148 -2.70 -7.05 8.75
C SER A 148 -3.18 -5.62 8.98
N GLU A 150 -5.86 -4.22 7.94
CA GLU A 150 -7.30 -4.16 8.19
C GLU A 150 -7.71 -4.65 9.59
N THR A 151 -6.77 -5.19 10.34
CA THR A 151 -6.98 -5.60 11.74
C THR A 151 -6.15 -4.81 12.77
N ALA A 152 -5.36 -3.85 12.29
CA ALA A 152 -4.45 -3.12 13.14
C ALA A 152 -5.13 -1.94 13.81
N THR A 153 -4.78 -1.68 15.06
CA THR A 153 -5.22 -0.47 15.77
C THR A 153 -4.03 0.44 15.97
N LEU A 154 -4.11 1.64 15.44
CA LEU A 154 -3.03 2.62 15.54
C LEU A 154 -3.44 3.76 16.45
N PRO A 155 -2.53 4.20 17.32
CA PRO A 155 -2.83 5.25 18.30
C PRO A 155 -2.94 6.60 17.59
N PRO A 156 -3.77 7.50 18.11
CA PRO A 156 -3.93 8.79 17.46
C PRO A 156 -2.70 9.67 17.57
N ASN A 157 -2.54 10.59 16.63
CA ASN A 157 -1.57 11.66 16.74
C ASN A 157 -0.16 11.14 17.03
N THR A 158 0.34 10.22 16.23
CA THR A 158 1.62 9.54 16.52
C THR A 158 2.65 9.66 15.40
N TYR A 159 2.23 9.47 14.17
CA TYR A 159 3.18 9.36 13.06
C TYR A 159 3.32 10.60 12.18
N ASP A 160 4.58 10.93 11.90
CA ASP A 160 4.92 11.96 10.91
C ASP A 160 4.92 11.38 9.49
N LEU A 161 5.13 10.07 9.35
CA LEU A 161 4.92 9.43 8.05
C LEU A 161 4.34 8.05 8.20
N ILE A 162 3.37 7.71 7.35
CA ILE A 162 2.79 6.39 7.29
C ILE A 162 2.91 5.89 5.87
N VAL A 163 3.77 4.90 5.70
CA VAL A 163 4.12 4.36 4.40
C VAL A 163 3.22 3.16 4.02
N ILE A 164 2.55 3.26 2.88
CA ILE A 164 1.74 2.15 2.35
C ILE A 164 2.18 1.94 0.90
N GLN A 165 3.12 1.03 0.70
CA GLN A 165 3.70 0.79 -0.61
C GLN A 165 3.56 -0.65 -1.00
N TRP A 166 3.00 -0.88 -2.18
CA TRP A 166 2.86 -2.22 -2.77
C TRP A 166 2.11 -3.20 -1.83
N THR A 167 1.15 -2.67 -1.09
CA THR A 167 0.44 -3.47 -0.10
C THR A 167 -1.06 -3.16 -0.08
N ALA A 168 -1.48 -1.96 -0.45
CA ALA A 168 -2.92 -1.69 -0.43
C ALA A 168 -3.69 -2.43 -1.53
N ILE A 169 -2.97 -3.10 -2.42
CA ILE A 169 -3.55 -4.02 -3.40
C ILE A 169 -4.27 -5.21 -2.76
N TYR A 170 -3.92 -5.54 -1.51
CA TYR A 170 -4.51 -6.66 -0.76
C TYR A 170 -5.77 -6.29 0.01
N LEU A 171 -6.02 -4.99 0.18
CA LEU A 171 -7.21 -4.53 0.85
C LEU A 171 -8.45 -4.54 -0.03
N THR A 172 -9.59 -4.96 0.52
CA THR A 172 -10.87 -4.69 -0.15
C THR A 172 -11.06 -3.19 -0.19
N ASP A 173 -11.96 -2.70 -1.03
CA ASP A 173 -12.20 -1.26 -1.08
C ASP A 173 -12.77 -0.75 0.23
N ALA A 174 -13.69 -1.51 0.81
CA ALA A 174 -14.26 -1.18 2.11
C ALA A 174 -13.17 -1.00 3.15
N ASP A 175 -12.20 -1.92 3.19
CA ASP A 175 -11.14 -1.90 4.20
C ASP A 175 -10.07 -0.85 3.88
N PHE A 176 -9.90 -0.56 2.59
CA PHE A 176 -9.02 0.52 2.08
C PHE A 176 -9.57 1.82 2.63
N VAL A 177 -10.86 2.06 2.42
CA VAL A 177 -11.50 3.26 2.95
C VAL A 177 -11.29 3.38 4.47
N LYS A 178 -11.69 2.35 5.21
CA LYS A 178 -11.49 2.30 6.67
C LYS A 178 -10.06 2.55 7.10
N PHE A 179 -9.12 1.87 6.47
CA PHE A 179 -7.75 1.94 6.90
C PHE A 179 -7.12 3.32 6.67
N PHE A 180 -7.45 3.98 5.57
CA PHE A 180 -6.85 5.28 5.27
C PHE A 180 -7.35 6.38 6.23
N LYS A 181 -8.61 6.26 6.62
CA LYS A 181 -9.22 7.14 7.61
C LYS A 181 -8.61 6.89 8.99
N HIS A 182 -8.33 5.63 9.30
CA HIS A 182 -7.67 5.26 10.54
C HIS A 182 -6.21 5.74 10.60
N CYS A 183 -5.52 5.66 9.46
CA CYS A 183 -4.18 6.24 9.33
C CYS A 183 -4.18 7.75 9.53
N GLN A 184 -5.24 8.39 9.08
CA GLN A 184 -5.33 9.83 9.17
C GLN A 184 -5.33 10.28 10.62
N GLN A 185 -6.09 9.59 11.47
CA GLN A 185 -6.16 9.93 12.88
C GLN A 185 -4.88 9.58 13.64
N ALA A 186 -4.11 8.63 13.11
CA ALA A 186 -2.80 8.28 13.64
C ALA A 186 -1.70 9.27 13.26
N LEU A 187 -1.98 10.21 12.35
CA LEU A 187 -0.96 11.20 11.99
C LEU A 187 -0.87 12.32 12.98
N THR A 188 0.33 12.85 13.13
CA THR A 188 0.53 14.16 13.80
C THR A 188 0.12 15.31 12.86
N PRO A 189 0.02 16.54 13.40
CA PRO A 189 -0.29 17.66 12.50
C PRO A 189 0.69 17.85 11.32
N ASN A 190 1.94 17.44 11.47
CA ASN A 190 2.92 17.50 10.39
C ASN A 190 3.09 16.15 9.69
N GLY A 191 2.09 15.30 9.79
CA GLY A 191 2.21 13.98 9.23
C GLY A 191 1.55 13.84 7.86
N TYR A 192 2.02 12.87 7.09
CA TYR A 192 1.42 12.51 5.83
C TYR A 192 1.35 10.98 5.73
N ILE A 193 0.32 10.49 5.03
CA ILE A 193 0.38 9.13 4.49
C ILE A 193 1.17 9.17 3.20
N PHE A 194 2.24 8.39 3.12
CA PHE A 194 2.92 8.19 1.85
C PHE A 194 2.41 6.88 1.19
N PHE A 195 1.61 7.05 0.13
CA PHE A 195 0.98 5.91 -0.55
C PHE A 195 1.63 5.74 -1.92
N LYS A 196 2.31 4.61 -2.12
CA LYS A 196 3.00 4.32 -3.38
C LYS A 196 2.53 2.99 -3.92
N GLU A 197 2.02 3.00 -5.15
CA GLU A 197 1.36 1.82 -5.69
C GLU A 197 1.33 1.82 -7.22
N ASN A 198 1.21 0.61 -7.77
CA ASN A 198 0.93 0.41 -9.17
C ASN A 198 -0.45 1.00 -9.53
N CYS A 199 -0.52 1.59 -10.71
CA CYS A 199 -1.66 2.33 -11.17
C CYS A 199 -2.06 1.81 -12.56
N SER A 200 -3.32 1.44 -12.76
CA SER A 200 -3.78 0.99 -14.08
C SER A 200 -3.59 2.09 -15.11
N ASP A 203 -8.54 3.14 -16.75
CA ASP A 203 -9.61 3.34 -15.78
C ASP A 203 -10.30 2.02 -15.34
N ARG A 204 -9.67 0.88 -15.59
CA ARG A 204 -10.24 -0.41 -15.20
C ARG A 204 -9.31 -1.12 -14.22
N PHE A 205 -9.88 -1.96 -13.37
CA PHE A 205 -9.09 -2.69 -12.38
C PHE A 205 -8.71 -4.06 -12.91
N LEU A 206 -7.74 -4.66 -12.24
CA LEU A 206 -7.26 -5.99 -12.55
C LEU A 206 -7.08 -6.74 -11.24
N VAL A 207 -7.95 -7.71 -11.00
CA VAL A 207 -7.78 -8.67 -9.91
C VAL A 207 -6.70 -9.72 -10.29
N ASP A 208 -5.65 -9.78 -9.48
CA ASP A 208 -4.63 -10.81 -9.62
C ASP A 208 -5.08 -12.06 -8.83
N LYS A 209 -5.41 -13.11 -9.57
CA LYS A 209 -5.92 -14.33 -8.97
C LYS A 209 -4.79 -15.21 -8.44
N GLU A 210 -3.55 -14.80 -8.62
CA GLU A 210 -2.44 -15.57 -8.07
C GLU A 210 -2.23 -15.22 -6.59
N ASP A 211 -2.06 -13.93 -6.29
CA ASP A 211 -1.82 -13.49 -4.91
C ASP A 211 -3.03 -12.85 -4.21
N SER A 212 -4.19 -12.86 -4.86
CA SER A 212 -5.45 -12.35 -4.29
C SER A 212 -5.37 -10.87 -3.93
N SER A 213 -5.21 -10.05 -4.98
CA SER A 213 -5.00 -8.61 -4.85
C SER A 213 -5.57 -7.90 -6.07
N LEU A 214 -5.65 -6.58 -6.05
CA LEU A 214 -6.02 -5.90 -7.29
C LEU A 214 -5.29 -4.57 -7.50
N THR A 215 -5.09 -4.26 -8.76
CA THR A 215 -4.52 -3.01 -9.20
C THR A 215 -5.67 -2.13 -9.60
N ARG A 216 -5.63 -0.89 -9.14
CA ARG A 216 -6.70 0.04 -9.37
C ARG A 216 -6.17 1.24 -10.16
N SER A 217 -7.09 2.00 -10.76
CA SER A 217 -6.76 3.23 -11.46
C SER A 217 -6.66 4.41 -10.50
N ASP A 218 -5.97 5.46 -10.94
CA ASP A 218 -5.92 6.72 -10.22
C ASP A 218 -7.31 7.25 -9.80
N ILE A 219 -8.27 7.16 -10.70
CA ILE A 219 -9.65 7.59 -10.45
C ILE A 219 -10.29 6.71 -9.37
N HIS A 220 -9.97 5.42 -9.41
CA HIS A 220 -10.44 4.45 -8.40
C HIS A 220 -9.85 4.81 -7.02
N TYR A 221 -8.53 5.02 -6.94
CA TYR A 221 -7.88 5.47 -5.68
C TYR A 221 -8.53 6.74 -5.09
N LYS A 222 -8.80 7.69 -5.96
CA LYS A 222 -9.31 9.01 -5.55
C LYS A 222 -10.76 8.93 -5.08
N ARG A 223 -11.52 8.03 -5.70
CA ARG A 223 -12.85 7.70 -5.21
C ARG A 223 -12.72 7.21 -3.76
N LEU A 224 -11.76 6.31 -3.52
CA LEU A 224 -11.55 5.77 -2.19
C LEU A 224 -11.02 6.84 -1.23
N PHE A 225 -10.11 7.71 -1.68
CA PHE A 225 -9.63 8.80 -0.82
C PHE A 225 -10.77 9.70 -0.39
N ASN A 226 -11.63 10.04 -1.35
CA ASN A 226 -12.75 10.92 -1.05
C ASN A 226 -13.65 10.29 0.02
N GLU A 227 -13.96 9.02 -0.16
CA GLU A 227 -14.79 8.29 0.79
C GLU A 227 -14.15 8.21 2.19
N SER A 228 -12.83 8.11 2.22
CA SER A 228 -12.05 8.13 3.47
C SER A 228 -12.04 9.47 4.19
N GLY A 229 -12.27 10.56 3.47
CA GLY A 229 -12.13 11.91 4.05
C GLY A 229 -10.70 12.38 4.04
N VAL A 230 -9.89 11.76 3.19
CA VAL A 230 -8.46 12.04 3.11
C VAL A 230 -8.18 12.84 1.82
N ARG A 231 -7.28 13.81 1.86
CA ARG A 231 -7.07 14.72 0.72
C ARG A 231 -5.67 14.59 0.15
N VAL A 232 -5.56 14.71 -1.18
CA VAL A 232 -4.27 14.60 -1.85
C VAL A 232 -3.55 15.95 -1.82
N VAL A 233 -2.39 15.99 -1.18
CA VAL A 233 -1.63 17.23 -1.08
C VAL A 233 -0.64 17.29 -2.21
N LYS A 234 -0.05 16.14 -2.53
CA LYS A 234 0.89 16.04 -3.63
C LYS A 234 0.72 14.67 -4.26
N GLU A 235 1.06 14.57 -5.55
CA GLU A 235 1.08 13.30 -6.26
C GLU A 235 2.07 13.35 -7.40
N ALA A 236 2.68 12.22 -7.71
CA ALA A 236 3.65 12.15 -8.79
C ALA A 236 3.93 10.72 -9.24
N PHE A 237 4.17 10.54 -10.53
CA PHE A 237 4.60 9.26 -11.03
C PHE A 237 6.09 9.10 -10.75
N GLN A 238 6.48 7.89 -10.36
CA GLN A 238 7.89 7.54 -10.28
C GLN A 238 8.59 7.72 -11.62
N GLU A 239 9.55 8.63 -11.69
CA GLU A 239 10.35 8.78 -12.91
C GLU A 239 11.35 7.64 -13.12
N GLU A 240 11.81 7.48 -14.35
CA GLU A 240 12.79 6.46 -14.69
C GLU A 240 12.31 5.03 -14.35
N TRP A 241 11.00 4.83 -14.45
CA TRP A 241 10.39 3.55 -14.14
C TRP A 241 10.35 2.73 -15.44
N PRO A 242 10.75 1.43 -15.38
CA PRO A 242 10.72 0.59 -16.58
C PRO A 242 9.35 0.61 -17.24
N THR A 243 9.39 0.73 -18.56
CA THR A 243 8.25 1.09 -19.36
C THR A 243 7.24 -0.06 -19.47
N ASP A 244 7.76 -1.27 -19.32
CA ASP A 244 6.97 -2.49 -19.37
C ASP A 244 6.20 -2.79 -18.09
N LEU A 245 6.51 -2.10 -17.00
CA LEU A 245 5.80 -2.32 -15.75
C LEU A 245 4.61 -1.38 -15.62
N PHE A 246 3.67 -1.70 -14.75
CA PHE A 246 2.63 -0.73 -14.39
C PHE A 246 3.29 0.55 -13.91
N PRO A 247 2.78 1.71 -14.32
CA PRO A 247 3.25 2.94 -13.70
C PRO A 247 3.14 2.89 -12.17
N LEU A 248 4.07 3.55 -11.51
CA LEU A 248 4.10 3.58 -10.06
C LEU A 248 3.84 5.01 -9.59
N LYS A 249 2.70 5.23 -8.95
CA LYS A 249 2.35 6.57 -8.48
C LYS A 249 2.50 6.75 -6.95
N TYR A 251 1.40 9.25 -3.74
CA TYR A 251 0.49 10.24 -3.21
C TYR A 251 0.89 10.62 -1.79
N ALA A 252 0.92 11.92 -1.50
CA ALA A 252 1.03 12.41 -0.13
C ALA A 252 -0.35 12.85 0.33
N LEU A 253 -0.87 12.23 1.38
CA LEU A 253 -2.25 12.42 1.81
C LEU A 253 -2.29 12.94 3.25
N LYS A 254 -3.27 13.79 3.54
CA LYS A 254 -3.51 14.32 4.89
C LYS A 254 -4.98 14.23 5.25
#